data_1LWW
#
_entry.id   1LWW
#
_cell.length_a   92.174
_cell.length_b   92.174
_cell.length_c   211.887
_cell.angle_alpha   90.00
_cell.angle_beta   90.00
_cell.angle_gamma   120.00
#
_symmetry.space_group_name_H-M   'P 65 2 2'
#
loop_
_entity.id
_entity.type
_entity.pdbx_description
1 polymer "5'-D(*GP*GP*TP*AP*GP*AP*CP*CP*TP*GP*GP*AP*CP*GP*C)-3'"
2 polymer "5'-D(*GP*CP*GP*TP*CP*CP*AP*(PED)P*GP*TP*CP*TP*AP*CP*C)-3'"
3 polymer '8-OXOGUANINE DNA GLYCOSYLASE'
4 non-polymer 'CALCIUM ION'
5 non-polymer 8-BROMOGUANINE
6 water water
#
loop_
_entity_poly.entity_id
_entity_poly.type
_entity_poly.pdbx_seq_one_letter_code
_entity_poly.pdbx_strand_id
1 'polydeoxyribonucleotide' (DG)(DG)(DT)(DA)(DG)(DA)(DC)(DC)(DT)(DG)(DG)(DA)(DC)(DG)(DC) D
2 'polydeoxyribonucleotide' (DG)(DC)(DG)(DT)(DC)(DC)(DA)(PED)(DG)(DT)(DC)(DT)(DA)(DC)(DC) E
3 'polypeptide(L)'
;AMADIGSEGHRTLASTPALWASIPCPRSELRLDLVLPSGQSFRWREQSPAHWSGVLADQVWTLTQTEEQLHCTVYRGDKS
QASRPTPDELEAVRKYFQLDVTLAQLYHHWGSVDSHFQEVAQKFQGVRLLRQDPIECLFSFICSSNNNIARITGMVERLC
QAFGPRLIQLDDVTYHGFPSLQALAGPEVEAHLRKLGLGYRARYVSASARAILEEQGGLAWLQQLRESSYEEAHKALCIL
PGVGTKVADCICLMALDKPQAVPVDVHMWHIAQRDYSWHPTTSQAKGPSPQTNKELGNFFRSLWGPYAGWAQAVLFSADL
RQSR
;
A
#
# COMPACT_ATOMS: atom_id res chain seq x y z
N GLY C 6 -17.32 23.72 13.12
CA GLY C 6 -16.00 24.39 13.23
C GLY C 6 -14.95 23.44 13.78
N SER C 7 -15.09 23.10 15.05
CA SER C 7 -14.17 22.17 15.69
C SER C 7 -14.68 20.74 15.53
N GLU C 8 -15.80 20.61 14.83
CA GLU C 8 -16.43 19.31 14.58
C GLU C 8 -16.16 18.89 13.13
N GLY C 9 -16.15 17.58 12.89
CA GLY C 9 -15.95 17.07 11.55
C GLY C 9 -14.51 17.02 11.08
N HIS C 10 -14.32 16.62 9.82
CA HIS C 10 -12.98 16.56 9.24
C HIS C 10 -12.44 17.97 9.00
N ARG C 11 -11.18 18.18 9.36
CA ARG C 11 -10.56 19.49 9.19
C ARG C 11 -10.17 19.80 7.75
N THR C 12 -10.04 21.08 7.44
CA THR C 12 -9.60 21.52 6.12
C THR C 12 -8.56 22.57 6.45
N LEU C 13 -7.56 22.74 5.58
CA LEU C 13 -6.50 23.72 5.82
C LEU C 13 -7.07 25.10 6.07
N ALA C 14 -8.05 25.47 5.25
CA ALA C 14 -8.70 26.77 5.35
C ALA C 14 -9.47 26.97 6.65
N SER C 15 -10.29 25.99 7.00
CA SER C 15 -11.13 26.08 8.19
C SER C 15 -10.43 26.16 9.55
N THR C 16 -9.40 25.35 9.78
CA THR C 16 -8.71 25.37 11.07
C THR C 16 -7.20 25.62 10.94
N PRO C 17 -6.81 26.76 10.33
CA PRO C 17 -5.43 27.16 10.11
C PRO C 17 -4.40 26.78 11.18
N ALA C 18 -4.67 27.15 12.43
CA ALA C 18 -3.76 26.84 13.52
C ALA C 18 -3.64 25.33 13.76
N LEU C 19 -4.51 24.54 13.14
CA LEU C 19 -4.45 23.09 13.31
C LEU C 19 -3.82 22.37 12.11
N TRP C 20 -2.66 22.84 11.66
CA TRP C 20 -1.93 22.21 10.55
C TRP C 20 -0.43 22.50 10.60
N ALA C 21 0.37 21.48 10.39
CA ALA C 21 1.83 21.63 10.38
C ALA C 21 2.32 21.20 9.00
N SER C 22 3.39 21.82 8.52
CA SER C 22 3.92 21.51 7.21
C SER C 22 5.22 20.73 7.20
N ILE C 23 5.48 20.11 6.07
CA ILE C 23 6.68 19.34 5.85
C ILE C 23 7.01 19.61 4.38
N PRO C 24 8.19 20.19 4.11
CA PRO C 24 8.62 20.50 2.74
C PRO C 24 8.51 19.28 1.85
N CYS C 25 7.76 19.42 0.75
CA CYS C 25 7.55 18.30 -0.15
C CYS C 25 6.85 18.84 -1.40
N PRO C 26 7.56 18.93 -2.52
CA PRO C 26 6.99 19.43 -3.77
C PRO C 26 6.14 18.36 -4.47
N ARG C 27 5.16 18.79 -5.25
CA ARG C 27 4.32 17.83 -5.93
C ARG C 27 5.12 16.91 -6.83
N SER C 28 6.39 17.23 -7.04
CA SER C 28 7.25 16.39 -7.86
C SER C 28 7.77 15.22 -7.04
N GLU C 29 7.68 15.33 -5.72
CA GLU C 29 8.12 14.27 -4.81
C GLU C 29 6.94 13.43 -4.33
N LEU C 30 5.75 14.01 -4.36
CA LEU C 30 4.56 13.30 -3.91
C LEU C 30 3.27 13.95 -4.41
N ARG C 31 2.34 13.09 -4.84
CA ARG C 31 1.03 13.50 -5.31
C ARG C 31 0.04 12.59 -4.58
N LEU C 32 -0.53 13.08 -3.50
CA LEU C 32 -1.46 12.31 -2.71
C LEU C 32 -2.54 11.65 -3.57
N ASP C 33 -3.09 12.43 -4.51
CA ASP C 33 -4.15 11.92 -5.36
C ASP C 33 -3.74 10.78 -6.26
N LEU C 34 -2.45 10.54 -6.40
CA LEU C 34 -1.97 9.46 -7.25
C LEU C 34 -1.41 8.27 -6.46
N VAL C 35 -1.17 8.47 -5.16
CA VAL C 35 -0.64 7.41 -4.31
C VAL C 35 -1.69 6.75 -3.39
N LEU C 36 -2.46 7.55 -2.69
CA LEU C 36 -3.42 7.01 -1.75
C LEU C 36 -4.60 6.16 -2.26
N PRO C 37 -5.19 6.48 -3.43
CA PRO C 37 -6.30 5.62 -3.86
C PRO C 37 -5.90 4.63 -4.96
N SER C 38 -4.60 4.47 -5.18
CA SER C 38 -4.15 3.60 -6.26
C SER C 38 -3.84 2.14 -5.89
N GLY C 39 -4.35 1.67 -4.76
CA GLY C 39 -4.11 0.28 -4.40
C GLY C 39 -2.85 -0.11 -3.64
N GLN C 40 -2.25 0.81 -2.88
CA GLN C 40 -1.08 0.47 -2.06
C GLN C 40 -1.72 0.31 -0.68
N SER C 41 -2.26 1.40 -0.16
CA SER C 41 -2.97 1.38 1.10
C SER C 41 -4.44 1.53 0.71
N PHE C 42 -5.33 0.86 1.45
CA PHE C 42 -6.75 0.94 1.14
C PHE C 42 -7.53 1.72 2.17
N ARG C 43 -6.82 2.39 3.08
CA ARG C 43 -7.49 3.11 4.16
C ARG C 43 -7.51 4.65 4.14
N TRP C 44 -7.31 5.25 2.98
CA TRP C 44 -7.36 6.70 2.89
C TRP C 44 -8.57 7.15 2.07
N ARG C 45 -9.26 8.17 2.57
CA ARG C 45 -10.44 8.69 1.89
C ARG C 45 -10.39 10.22 1.76
N GLU C 46 -10.73 10.70 0.57
CA GLU C 46 -10.75 12.12 0.31
C GLU C 46 -12.10 12.61 0.82
N GLN C 47 -12.22 12.78 2.14
CA GLN C 47 -13.48 13.21 2.76
C GLN C 47 -13.86 14.61 2.31
N SER C 48 -12.85 15.43 2.06
CA SER C 48 -13.05 16.79 1.59
C SER C 48 -12.16 16.94 0.35
N PRO C 49 -12.56 17.79 -0.60
CA PRO C 49 -11.75 17.97 -1.81
C PRO C 49 -10.27 18.21 -1.53
N ALA C 50 -9.43 17.38 -2.14
CA ALA C 50 -7.98 17.46 -1.99
C ALA C 50 -7.47 17.24 -0.56
N HIS C 51 -8.33 16.76 0.33
CA HIS C 51 -7.96 16.47 1.72
C HIS C 51 -8.16 14.97 2.01
N TRP C 52 -7.07 14.26 2.29
CA TRP C 52 -7.16 12.82 2.54
C TRP C 52 -7.06 12.45 4.03
N SER C 53 -8.04 11.67 4.50
CA SER C 53 -8.05 11.24 5.88
C SER C 53 -7.88 9.73 6.03
N GLY C 54 -7.13 9.34 7.05
CA GLY C 54 -6.90 7.92 7.29
C GLY C 54 -6.06 7.69 8.54
N VAL C 55 -5.84 6.43 8.87
CA VAL C 55 -5.07 6.08 10.04
C VAL C 55 -3.58 5.96 9.74
N LEU C 56 -2.77 6.68 10.50
CA LEU C 56 -1.33 6.68 10.31
C LEU C 56 -0.65 6.55 11.66
N ALA C 57 0.08 5.46 11.84
CA ALA C 57 0.78 5.21 13.08
C ALA C 57 -0.20 5.27 14.28
N ASP C 58 -1.31 4.54 14.17
CA ASP C 58 -2.31 4.45 15.23
C ASP C 58 -3.09 5.73 15.60
N GLN C 59 -3.04 6.72 14.73
CA GLN C 59 -3.76 7.97 14.97
C GLN C 59 -4.43 8.34 13.67
N VAL C 60 -5.44 9.20 13.74
CA VAL C 60 -6.11 9.64 12.53
C VAL C 60 -5.46 10.93 12.07
N TRP C 61 -5.29 11.05 10.76
CA TRP C 61 -4.68 12.22 10.14
C TRP C 61 -5.46 12.67 8.92
N THR C 62 -5.32 13.93 8.58
CA THR C 62 -5.92 14.46 7.36
C THR C 62 -4.71 15.09 6.72
N LEU C 63 -4.56 14.92 5.41
CA LEU C 63 -3.41 15.45 4.69
C LEU C 63 -3.88 16.16 3.42
N THR C 64 -3.18 17.22 3.06
CA THR C 64 -3.51 17.98 1.87
C THR C 64 -2.20 18.67 1.45
N GLN C 65 -2.09 19.06 0.20
CA GLN C 65 -0.87 19.69 -0.25
C GLN C 65 -1.01 20.92 -1.14
N THR C 66 -0.03 21.79 -1.04
CA THR C 66 0.06 22.99 -1.87
C THR C 66 1.23 22.66 -2.80
N GLU C 67 1.58 23.56 -3.70
CA GLU C 67 2.66 23.28 -4.64
C GLU C 67 3.97 22.83 -3.99
N GLU C 68 4.30 23.39 -2.83
CA GLU C 68 5.57 23.03 -2.19
C GLU C 68 5.47 22.41 -0.81
N GLN C 69 4.26 22.30 -0.28
CA GLN C 69 4.07 21.77 1.06
C GLN C 69 3.04 20.65 1.22
N LEU C 70 3.32 19.78 2.18
CA LEU C 70 2.42 18.69 2.53
C LEU C 70 1.88 19.11 3.90
N HIS C 71 0.63 19.51 3.96
CA HIS C 71 0.04 19.96 5.21
C HIS C 71 -0.57 18.80 5.97
N CYS C 72 -0.22 18.69 7.25
CA CYS C 72 -0.68 17.60 8.10
C CYS C 72 -1.37 18.06 9.39
N THR C 73 -2.40 17.32 9.78
CA THR C 73 -3.14 17.61 11.00
C THR C 73 -3.47 16.25 11.63
N VAL C 74 -3.33 16.14 12.95
CA VAL C 74 -3.60 14.90 13.63
C VAL C 74 -4.68 15.01 14.70
N TYR C 75 -5.54 14.00 14.77
CA TYR C 75 -6.62 13.97 15.76
C TYR C 75 -6.25 12.95 16.83
N ARG C 76 -5.88 13.44 18.00
CA ARG C 76 -5.51 12.56 19.09
C ARG C 76 -6.75 12.17 19.89
N SER C 80 -5.34 15.96 25.01
CA SER C 80 -6.69 15.98 24.46
C SER C 80 -6.96 17.29 23.73
N GLN C 81 -6.41 18.38 24.24
CA GLN C 81 -6.58 19.68 23.62
C GLN C 81 -6.04 19.64 22.19
N ALA C 82 -6.91 19.92 21.22
CA ALA C 82 -6.52 19.92 19.83
C ALA C 82 -5.31 20.83 19.64
N SER C 83 -4.23 20.28 19.10
CA SER C 83 -3.04 21.08 18.87
C SER C 83 -2.34 20.60 17.60
N ARG C 84 -1.25 21.29 17.27
CA ARG C 84 -0.49 20.95 16.09
C ARG C 84 0.32 19.69 16.17
N PRO C 85 0.49 19.00 15.03
CA PRO C 85 1.28 17.77 15.09
C PRO C 85 2.64 18.21 15.62
N THR C 86 3.23 17.42 16.51
CA THR C 86 4.53 17.76 17.04
C THR C 86 5.58 17.32 16.02
N PRO C 87 6.85 17.73 16.22
CA PRO C 87 7.93 17.36 15.32
C PRO C 87 8.12 15.84 15.21
N ASP C 88 7.85 15.13 16.29
CA ASP C 88 7.98 13.67 16.30
C ASP C 88 6.88 13.02 15.45
N GLU C 89 5.64 13.48 15.64
CA GLU C 89 4.50 12.96 14.90
C GLU C 89 4.67 13.20 13.41
N LEU C 90 5.22 14.36 13.05
CA LEU C 90 5.46 14.67 11.66
C LEU C 90 6.49 13.70 11.10
N GLU C 91 7.43 13.30 11.95
CA GLU C 91 8.47 12.36 11.56
C GLU C 91 7.83 11.02 11.16
N ALA C 92 6.69 10.72 11.77
CA ALA C 92 5.99 9.48 11.47
C ALA C 92 5.44 9.54 10.06
N VAL C 93 4.98 10.72 9.66
CA VAL C 93 4.45 10.93 8.31
C VAL C 93 5.60 10.80 7.29
N ARG C 94 6.70 11.49 7.55
CA ARG C 94 7.86 11.41 6.66
C ARG C 94 8.25 9.96 6.42
N LYS C 95 8.24 9.17 7.49
CA LYS C 95 8.61 7.77 7.38
C LYS C 95 7.60 6.96 6.57
N TYR C 96 6.31 7.26 6.74
CA TYR C 96 5.25 6.56 6.01
C TYR C 96 5.40 6.79 4.51
N PHE C 97 5.75 8.02 4.14
CA PHE C 97 5.92 8.35 2.72
C PHE C 97 7.38 8.18 2.24
N GLN C 98 8.22 7.56 3.08
CA GLN C 98 9.64 7.33 2.77
C GLN C 98 10.26 8.53 2.07
N LEU C 99 10.09 9.71 2.67
CA LEU C 99 10.57 10.94 2.08
C LEU C 99 12.08 11.11 1.90
N ASP C 100 12.87 10.27 2.56
CA ASP C 100 14.32 10.36 2.40
C ASP C 100 14.70 9.88 1.00
N VAL C 101 13.82 9.09 0.40
CA VAL C 101 14.02 8.59 -0.94
C VAL C 101 13.62 9.69 -1.92
N THR C 102 14.60 10.18 -2.67
CA THR C 102 14.40 11.26 -3.65
C THR C 102 13.77 10.69 -4.90
N LEU C 103 12.47 10.92 -5.07
CA LEU C 103 11.75 10.40 -6.22
C LEU C 103 12.23 11.01 -7.53
N ALA C 104 12.71 12.25 -7.48
CA ALA C 104 13.22 12.91 -8.68
C ALA C 104 14.48 12.23 -9.21
N GLN C 105 15.29 11.68 -8.31
CA GLN C 105 16.52 10.98 -8.69
C GLN C 105 16.13 9.65 -9.32
N LEU C 106 15.12 9.00 -8.77
CA LEU C 106 14.69 7.72 -9.32
C LEU C 106 14.03 7.88 -10.70
N TYR C 107 13.16 8.87 -10.85
CA TYR C 107 12.49 9.10 -12.13
C TYR C 107 13.51 9.37 -13.22
N HIS C 108 14.51 10.19 -12.90
CA HIS C 108 15.57 10.52 -13.86
C HIS C 108 16.20 9.23 -14.39
N HIS C 109 16.66 8.41 -13.46
CA HIS C 109 17.31 7.15 -13.77
C HIS C 109 16.46 6.21 -14.63
N TRP C 110 15.25 5.88 -14.16
CA TRP C 110 14.36 5.00 -14.91
C TRP C 110 14.10 5.56 -16.30
N GLY C 111 13.86 6.86 -16.37
CA GLY C 111 13.60 7.48 -17.66
C GLY C 111 14.82 7.44 -18.57
N SER C 112 16.01 7.33 -17.98
CA SER C 112 17.25 7.26 -18.76
C SER C 112 17.46 5.93 -19.42
N VAL C 113 16.90 4.88 -18.83
CA VAL C 113 17.07 3.54 -19.39
C VAL C 113 15.80 3.00 -20.01
N ASP C 114 14.70 3.74 -19.90
CA ASP C 114 13.42 3.28 -20.44
C ASP C 114 12.65 4.46 -21.03
N SER C 115 12.74 4.58 -22.35
CA SER C 115 12.09 5.67 -23.09
C SER C 115 10.59 5.71 -22.86
N HIS C 116 9.95 4.56 -22.77
CA HIS C 116 8.50 4.56 -22.55
C HIS C 116 8.20 5.11 -21.15
N PHE C 117 9.02 4.74 -20.16
CA PHE C 117 8.81 5.22 -18.81
C PHE C 117 8.90 6.74 -18.78
N GLN C 118 9.95 7.27 -19.41
CA GLN C 118 10.16 8.71 -19.48
C GLN C 118 8.88 9.39 -19.96
N GLU C 119 8.25 8.77 -20.95
CA GLU C 119 7.03 9.31 -21.52
C GLU C 119 5.86 9.36 -20.53
N VAL C 120 5.56 8.23 -19.89
CA VAL C 120 4.46 8.16 -18.93
C VAL C 120 4.75 9.02 -17.69
N ALA C 121 5.96 8.91 -17.16
CA ALA C 121 6.36 9.66 -15.98
C ALA C 121 6.19 11.17 -16.14
N GLN C 122 6.32 11.67 -17.37
CA GLN C 122 6.17 13.09 -17.64
C GLN C 122 4.79 13.61 -17.24
N LYS C 123 3.82 12.72 -17.17
CA LYS C 123 2.46 13.08 -16.79
C LYS C 123 1.99 12.49 -15.46
N PHE C 124 2.80 11.63 -14.86
CA PHE C 124 2.44 11.03 -13.58
C PHE C 124 3.57 11.12 -12.58
N GLN C 125 3.86 12.33 -12.13
CA GLN C 125 4.93 12.51 -11.16
C GLN C 125 4.40 12.38 -9.74
N GLY C 126 5.32 12.18 -8.81
CA GLY C 126 4.94 12.08 -7.41
C GLY C 126 4.42 10.73 -6.98
N VAL C 127 4.63 9.68 -7.77
CA VAL C 127 4.18 8.35 -7.38
C VAL C 127 5.34 7.65 -6.67
N ARG C 128 5.19 7.47 -5.36
CA ARG C 128 6.20 6.82 -4.54
C ARG C 128 5.52 5.70 -3.76
N LEU C 129 6.30 4.89 -3.04
CA LEU C 129 5.73 3.80 -2.26
C LEU C 129 5.56 4.14 -0.79
N LEU C 130 4.44 3.75 -0.25
CA LEU C 130 4.15 3.94 1.16
C LEU C 130 4.94 2.85 1.90
N ARG C 131 5.41 3.15 3.10
CA ARG C 131 6.12 2.15 3.91
C ARG C 131 5.05 1.69 4.90
N GLN C 132 4.42 0.56 4.60
CA GLN C 132 3.32 0.05 5.44
C GLN C 132 3.67 -0.93 6.53
N ASP C 133 2.69 -1.14 7.42
CA ASP C 133 2.79 -2.07 8.53
C ASP C 133 2.64 -3.48 7.98
N PRO C 134 3.56 -4.37 8.32
CA PRO C 134 3.52 -5.76 7.84
C PRO C 134 2.17 -6.46 7.97
N ILE C 135 1.52 -6.31 9.12
CA ILE C 135 0.24 -6.98 9.34
C ILE C 135 -0.88 -6.39 8.48
N GLU C 136 -1.03 -5.07 8.54
CA GLU C 136 -2.06 -4.42 7.76
C GLU C 136 -1.85 -4.76 6.30
N CYS C 137 -0.60 -4.63 5.85
CA CYS C 137 -0.26 -4.90 4.47
C CYS C 137 -0.50 -6.36 4.12
N LEU C 138 -0.21 -7.28 5.04
CA LEU C 138 -0.42 -8.69 4.77
C LEU C 138 -1.88 -9.07 4.53
N PHE C 139 -2.75 -8.74 5.47
CA PHE C 139 -4.15 -9.10 5.31
C PHE C 139 -4.91 -8.29 4.27
N SER C 140 -4.52 -7.05 4.06
CA SER C 140 -5.18 -6.24 3.06
C SER C 140 -4.97 -6.88 1.68
N PHE C 141 -3.75 -7.30 1.38
CA PHE C 141 -3.51 -7.91 0.08
C PHE C 141 -4.01 -9.33 -0.04
N ILE C 142 -4.27 -10.00 1.09
CA ILE C 142 -4.83 -11.34 1.03
C ILE C 142 -6.24 -11.16 0.44
N CYS C 143 -6.83 -10.01 0.76
CA CYS C 143 -8.16 -9.64 0.27
C CYS C 143 -8.13 -9.14 -1.19
N SER C 144 -6.94 -8.81 -1.71
CA SER C 144 -6.79 -8.28 -3.08
C SER C 144 -6.91 -9.22 -4.28
N SER C 145 -6.47 -10.46 -4.09
CA SER C 145 -6.47 -11.47 -5.15
C SER C 145 -7.80 -11.64 -5.88
N ASN C 146 -7.74 -11.65 -7.21
CA ASN C 146 -8.91 -11.85 -8.05
C ASN C 146 -10.03 -10.92 -7.61
N ASN C 147 -9.68 -9.67 -7.36
CA ASN C 147 -10.65 -8.69 -6.88
C ASN C 147 -10.29 -7.33 -7.49
N ASN C 148 -11.12 -6.32 -7.24
CA ASN C 148 -10.84 -4.97 -7.74
C ASN C 148 -10.64 -4.03 -6.57
N ILE C 149 -9.87 -2.96 -6.80
CA ILE C 149 -9.56 -2.00 -5.76
C ILE C 149 -10.77 -1.43 -5.02
N ALA C 150 -11.83 -1.10 -5.75
CA ALA C 150 -13.02 -0.54 -5.11
C ALA C 150 -13.62 -1.51 -4.11
N ARG C 151 -13.80 -2.77 -4.51
CA ARG C 151 -14.36 -3.77 -3.60
C ARG C 151 -13.41 -4.07 -2.43
N ILE C 152 -12.14 -4.27 -2.72
CA ILE C 152 -11.15 -4.55 -1.67
C ILE C 152 -11.22 -3.46 -0.61
N THR C 153 -11.40 -2.22 -1.05
CA THR C 153 -11.47 -1.09 -0.13
C THR C 153 -12.58 -1.22 0.91
N GLY C 154 -13.77 -1.67 0.48
CA GLY C 154 -14.87 -1.83 1.41
C GLY C 154 -14.64 -3.00 2.35
N MET C 155 -14.12 -4.09 1.80
CA MET C 155 -13.82 -5.29 2.58
C MET C 155 -12.88 -4.95 3.74
N VAL C 156 -11.82 -4.19 3.45
CA VAL C 156 -10.85 -3.81 4.46
C VAL C 156 -11.44 -2.89 5.52
N GLU C 157 -12.36 -2.01 5.11
CA GLU C 157 -13.00 -1.09 6.04
C GLU C 157 -13.91 -1.87 6.99
N ARG C 158 -14.68 -2.80 6.44
CA ARG C 158 -15.58 -3.58 7.27
C ARG C 158 -14.80 -4.50 8.19
N LEU C 159 -13.64 -4.95 7.72
CA LEU C 159 -12.78 -5.83 8.50
C LEU C 159 -12.21 -5.10 9.71
N CYS C 160 -11.77 -3.87 9.52
CA CYS C 160 -11.21 -3.08 10.61
C CYS C 160 -12.30 -2.61 11.57
N GLN C 161 -13.49 -2.35 11.04
CA GLN C 161 -14.59 -1.90 11.88
C GLN C 161 -15.02 -3.02 12.83
N ALA C 162 -15.08 -4.23 12.29
CA ALA C 162 -15.49 -5.39 13.07
C ALA C 162 -14.44 -5.98 14.00
N PHE C 163 -13.16 -5.92 13.64
CA PHE C 163 -12.14 -6.51 14.50
C PHE C 163 -11.01 -5.61 14.98
N GLY C 164 -11.03 -4.33 14.62
CA GLY C 164 -9.97 -3.43 15.05
C GLY C 164 -10.34 -2.44 16.13
N PRO C 165 -9.34 -1.92 16.86
CA PRO C 165 -9.57 -0.95 17.93
C PRO C 165 -10.26 0.31 17.41
N ARG C 166 -11.25 0.79 18.16
CA ARG C 166 -11.97 1.99 17.78
C ARG C 166 -11.06 3.17 18.13
N LEU C 167 -10.83 4.08 17.19
CA LEU C 167 -9.98 5.22 17.47
C LEU C 167 -10.77 6.49 17.80
N ILE C 168 -11.26 7.19 16.78
CA ILE C 168 -12.05 8.38 17.01
C ILE C 168 -13.12 8.51 15.91
N GLN C 169 -14.07 9.41 16.12
CA GLN C 169 -15.13 9.61 15.15
C GLN C 169 -15.12 11.05 14.63
N LEU C 170 -15.19 11.20 13.32
CA LEU C 170 -15.23 12.53 12.70
C LEU C 170 -16.47 12.47 11.82
N ASP C 171 -17.38 13.43 12.03
CA ASP C 171 -18.65 13.42 11.30
C ASP C 171 -19.32 12.07 11.62
N ASP C 172 -19.79 11.34 10.61
CA ASP C 172 -20.39 10.03 10.86
C ASP C 172 -19.40 8.90 10.59
N VAL C 173 -18.12 9.24 10.62
CA VAL C 173 -17.06 8.26 10.36
C VAL C 173 -16.28 7.85 11.60
N THR C 174 -16.31 6.57 11.92
CA THR C 174 -15.55 6.07 13.06
C THR C 174 -14.30 5.38 12.51
N TYR C 175 -13.13 5.84 12.92
CA TYR C 175 -11.89 5.23 12.46
C TYR C 175 -11.46 4.09 13.35
N HIS C 176 -10.91 3.04 12.74
CA HIS C 176 -10.45 1.88 13.48
C HIS C 176 -9.02 1.52 13.10
N GLY C 177 -8.26 1.04 14.06
CA GLY C 177 -6.90 0.61 13.78
C GLY C 177 -7.04 -0.74 13.11
N PHE C 178 -5.99 -1.23 12.49
CA PHE C 178 -6.03 -2.54 11.83
C PHE C 178 -6.04 -3.62 12.91
N PRO C 179 -6.87 -4.67 12.72
CA PRO C 179 -6.93 -5.74 13.73
C PRO C 179 -5.60 -6.44 13.97
N SER C 180 -5.40 -6.91 15.20
CA SER C 180 -4.19 -7.63 15.56
C SER C 180 -4.30 -9.06 15.05
N LEU C 181 -3.19 -9.78 15.16
CA LEU C 181 -3.10 -11.18 14.75
C LEU C 181 -4.05 -11.99 15.63
N GLN C 182 -4.02 -11.74 16.94
CA GLN C 182 -4.89 -12.44 17.87
C GLN C 182 -6.34 -12.30 17.48
N ALA C 183 -6.75 -11.07 17.14
CA ALA C 183 -8.13 -10.83 16.76
C ALA C 183 -8.51 -11.59 15.50
N LEU C 184 -7.61 -11.58 14.51
CA LEU C 184 -7.89 -12.25 13.24
C LEU C 184 -7.84 -13.76 13.38
N ALA C 185 -7.15 -14.24 14.42
CA ALA C 185 -7.03 -15.67 14.67
C ALA C 185 -8.10 -16.17 15.63
N GLY C 186 -8.94 -15.25 16.13
CA GLY C 186 -9.98 -15.63 17.06
C GLY C 186 -10.95 -16.66 16.50
N PRO C 187 -11.92 -17.11 17.32
CA PRO C 187 -12.92 -18.10 16.89
C PRO C 187 -14.07 -17.53 16.08
N GLU C 188 -14.48 -18.26 15.05
CA GLU C 188 -15.58 -17.85 14.19
C GLU C 188 -15.30 -16.62 13.35
N VAL C 189 -14.05 -16.20 13.26
CA VAL C 189 -13.72 -15.02 12.47
C VAL C 189 -14.11 -15.23 10.99
N GLU C 190 -13.69 -16.36 10.41
CA GLU C 190 -14.04 -16.63 9.01
C GLU C 190 -15.54 -16.48 8.74
N ALA C 191 -16.37 -17.03 9.62
CA ALA C 191 -17.81 -16.95 9.43
C ALA C 191 -18.29 -15.50 9.45
N HIS C 192 -17.71 -14.70 10.34
CA HIS C 192 -18.10 -13.31 10.45
C HIS C 192 -17.63 -12.54 9.21
N LEU C 193 -16.43 -12.86 8.74
CA LEU C 193 -15.87 -12.21 7.56
C LEU C 193 -16.70 -12.51 6.30
N ARG C 194 -17.27 -13.72 6.23
CA ARG C 194 -18.10 -14.07 5.08
C ARG C 194 -19.37 -13.22 5.02
N LYS C 195 -19.96 -12.94 6.18
CA LYS C 195 -21.15 -12.10 6.22
C LYS C 195 -20.77 -10.67 5.84
N LEU C 196 -19.48 -10.36 6.00
CA LEU C 196 -18.96 -9.03 5.67
C LEU C 196 -18.60 -8.95 4.20
N GLY C 197 -18.82 -10.05 3.48
CA GLY C 197 -18.56 -10.08 2.04
C GLY C 197 -17.16 -10.33 1.53
N LEU C 198 -16.30 -11.00 2.31
CA LEU C 198 -14.93 -11.26 1.84
C LEU C 198 -14.84 -12.47 0.92
N GLY C 199 -15.97 -13.11 0.65
CA GLY C 199 -15.94 -14.28 -0.21
C GLY C 199 -15.03 -15.35 0.36
N TYR C 200 -14.37 -16.10 -0.51
CA TYR C 200 -13.49 -17.17 -0.09
C TYR C 200 -12.23 -16.71 0.64
N ARG C 201 -11.91 -15.43 0.55
CA ARG C 201 -10.73 -14.91 1.22
C ARG C 201 -10.91 -14.89 2.74
N ALA C 202 -12.16 -14.96 3.19
CA ALA C 202 -12.44 -14.94 4.62
C ALA C 202 -11.65 -16.07 5.28
N ARG C 203 -11.58 -17.20 4.59
CA ARG C 203 -10.86 -18.39 5.06
C ARG C 203 -9.37 -18.11 5.09
N TYR C 204 -8.87 -17.44 4.06
CA TYR C 204 -7.45 -17.12 3.98
C TYR C 204 -7.02 -16.28 5.17
N VAL C 205 -7.86 -15.30 5.52
CA VAL C 205 -7.54 -14.41 6.63
C VAL C 205 -7.45 -15.19 7.94
N SER C 206 -8.51 -15.92 8.26
CA SER C 206 -8.54 -16.71 9.49
C SER C 206 -7.38 -17.71 9.48
N ALA C 207 -7.31 -18.52 8.44
CA ALA C 207 -6.26 -19.51 8.31
C ALA C 207 -4.85 -18.93 8.37
N SER C 208 -4.64 -17.75 7.78
CA SER C 208 -3.32 -17.14 7.80
C SER C 208 -2.92 -16.58 9.16
N ALA C 209 -3.87 -16.02 9.89
CA ALA C 209 -3.60 -15.48 11.22
C ALA C 209 -3.18 -16.60 12.16
N ARG C 210 -3.92 -17.72 12.14
CA ARG C 210 -3.62 -18.85 13.00
C ARG C 210 -2.28 -19.47 12.62
N ALA C 211 -2.06 -19.60 11.32
CA ALA C 211 -0.82 -20.18 10.82
C ALA C 211 0.37 -19.38 11.33
N ILE C 212 0.25 -18.05 11.31
CA ILE C 212 1.33 -17.19 11.77
C ILE C 212 1.55 -17.27 13.28
N LEU C 213 0.46 -17.30 14.02
CA LEU C 213 0.51 -17.35 15.47
C LEU C 213 0.76 -18.73 16.07
N GLU C 214 0.33 -19.78 15.36
CA GLU C 214 0.47 -21.13 15.87
C GLU C 214 1.45 -22.08 15.17
N GLU C 215 2.07 -21.63 14.08
CA GLU C 215 3.00 -22.51 13.36
C GLU C 215 4.30 -21.80 12.97
N GLN C 216 4.23 -20.51 12.67
CA GLN C 216 5.42 -19.77 12.25
C GLN C 216 6.17 -19.04 13.33
N GLY C 217 5.58 -18.90 14.52
CA GLY C 217 6.29 -18.22 15.59
C GLY C 217 5.75 -16.85 15.96
N GLY C 218 4.58 -16.50 15.43
CA GLY C 218 3.98 -15.22 15.75
C GLY C 218 4.50 -14.02 14.98
N LEU C 219 4.15 -12.84 15.47
CA LEU C 219 4.53 -11.57 14.87
C LEU C 219 6.02 -11.40 14.61
N ALA C 220 6.85 -11.94 15.49
CA ALA C 220 8.31 -11.83 15.33
C ALA C 220 8.76 -12.40 14.00
N TRP C 221 8.09 -13.46 13.57
CA TRP C 221 8.43 -14.12 12.31
C TRP C 221 8.22 -13.19 11.11
N LEU C 222 7.19 -12.35 11.18
CA LEU C 222 6.88 -11.43 10.10
C LEU C 222 7.81 -10.24 10.11
N GLN C 223 7.89 -9.58 11.25
CA GLN C 223 8.74 -8.41 11.41
C GLN C 223 10.19 -8.77 11.14
N GLN C 224 10.48 -10.06 11.12
CA GLN C 224 11.83 -10.56 10.87
C GLN C 224 12.22 -10.49 9.40
N LEU C 225 11.32 -10.96 8.53
CA LEU C 225 11.53 -10.98 7.09
C LEU C 225 12.08 -9.67 6.54
N ARG C 226 11.87 -8.60 7.29
CA ARG C 226 12.34 -7.27 6.90
C ARG C 226 13.87 -7.14 6.83
N GLU C 227 14.59 -7.96 7.59
CA GLU C 227 16.05 -7.94 7.59
C GLU C 227 16.57 -9.04 6.67
N SER C 228 15.67 -9.95 6.28
CA SER C 228 16.02 -11.04 5.37
C SER C 228 16.10 -10.52 3.93
N SER C 229 16.41 -11.41 2.99
CA SER C 229 16.52 -11.04 1.59
C SER C 229 15.19 -11.26 0.88
N TYR C 230 14.95 -10.48 -0.17
CA TYR C 230 13.73 -10.59 -0.96
C TYR C 230 13.45 -12.06 -1.29
N GLU C 231 14.48 -12.75 -1.76
CA GLU C 231 14.35 -14.16 -2.11
C GLU C 231 13.81 -14.94 -0.91
N GLU C 232 14.40 -14.68 0.26
CA GLU C 232 14.02 -15.33 1.51
C GLU C 232 12.58 -14.96 1.87
N ALA C 233 12.37 -13.66 2.02
CA ALA C 233 11.06 -13.11 2.39
C ALA C 233 9.92 -13.62 1.51
N HIS C 234 10.11 -13.57 0.19
CA HIS C 234 9.06 -14.01 -0.73
C HIS C 234 8.66 -15.48 -0.56
N LYS C 235 9.66 -16.35 -0.43
CA LYS C 235 9.41 -17.80 -0.25
C LYS C 235 8.60 -18.06 1.03
N ALA C 236 9.02 -17.40 2.12
CA ALA C 236 8.36 -17.56 3.41
C ALA C 236 6.87 -17.16 3.36
N LEU C 237 6.60 -15.97 2.84
CA LEU C 237 5.21 -15.51 2.76
C LEU C 237 4.31 -16.46 1.99
N CYS C 238 4.83 -17.04 0.92
CA CYS C 238 4.03 -17.96 0.11
C CYS C 238 3.56 -19.19 0.89
N ILE C 239 4.09 -19.36 2.10
CA ILE C 239 3.71 -20.47 2.97
C ILE C 239 2.27 -20.25 3.42
N LEU C 240 1.98 -19.00 3.82
CA LEU C 240 0.66 -18.62 4.31
C LEU C 240 -0.44 -18.81 3.27
N PRO C 241 -1.63 -19.27 3.73
CA PRO C 241 -2.82 -19.50 2.91
C PRO C 241 -3.34 -18.23 2.25
N GLY C 242 -3.55 -18.29 0.94
CA GLY C 242 -4.04 -17.14 0.22
C GLY C 242 -2.94 -16.21 -0.26
N VAL C 243 -1.69 -16.52 0.07
CA VAL C 243 -0.57 -15.69 -0.37
C VAL C 243 0.20 -16.34 -1.51
N GLY C 244 -0.10 -15.92 -2.74
CA GLY C 244 0.59 -16.45 -3.91
C GLY C 244 1.73 -15.52 -4.29
N THR C 245 2.23 -15.66 -5.52
CA THR C 245 3.36 -14.84 -5.98
C THR C 245 3.07 -13.34 -5.92
N LYS C 246 1.89 -12.93 -6.38
CA LYS C 246 1.57 -11.52 -6.37
C LYS C 246 1.47 -10.91 -4.97
N VAL C 247 0.62 -11.49 -4.13
CA VAL C 247 0.44 -11.00 -2.76
C VAL C 247 1.76 -10.91 -2.03
N ALA C 248 2.59 -11.94 -2.13
CA ALA C 248 3.88 -11.95 -1.45
C ALA C 248 4.76 -10.80 -1.97
N ASP C 249 4.71 -10.56 -3.28
CA ASP C 249 5.50 -9.48 -3.86
C ASP C 249 5.00 -8.11 -3.38
N CYS C 250 3.68 -7.95 -3.32
CA CYS C 250 3.12 -6.68 -2.86
C CYS C 250 3.62 -6.42 -1.44
N ILE C 251 3.56 -7.43 -0.59
CA ILE C 251 4.01 -7.33 0.80
C ILE C 251 5.50 -7.02 0.90
N CYS C 252 6.35 -7.73 0.14
CA CYS C 252 7.79 -7.47 0.18
C CYS C 252 8.11 -6.02 -0.19
N LEU C 253 7.49 -5.55 -1.26
CA LEU C 253 7.70 -4.19 -1.77
C LEU C 253 7.13 -3.07 -0.92
N MET C 254 5.93 -3.28 -0.39
CA MET C 254 5.25 -2.24 0.37
C MET C 254 5.37 -2.27 1.88
N ALA C 255 5.84 -3.37 2.43
CA ALA C 255 5.96 -3.47 3.87
C ALA C 255 7.28 -4.06 4.38
N LEU C 256 8.00 -4.80 3.53
CA LEU C 256 9.25 -5.43 3.97
C LEU C 256 10.54 -4.83 3.40
N ASP C 257 10.46 -3.61 2.88
CA ASP C 257 11.60 -2.90 2.32
C ASP C 257 12.35 -3.62 1.19
N LYS C 258 11.63 -4.33 0.33
CA LYS C 258 12.26 -5.00 -0.82
C LYS C 258 11.81 -4.24 -2.05
N PRO C 259 12.49 -3.11 -2.35
CA PRO C 259 12.19 -2.24 -3.50
C PRO C 259 12.37 -2.83 -4.89
N GLN C 260 12.94 -4.04 -4.98
CA GLN C 260 13.14 -4.68 -6.27
C GLN C 260 12.01 -5.65 -6.56
N ALA C 261 11.16 -5.89 -5.57
CA ALA C 261 10.05 -6.82 -5.76
C ALA C 261 9.06 -6.18 -6.74
N VAL C 262 8.58 -6.98 -7.69
CA VAL C 262 7.64 -6.50 -8.70
C VAL C 262 6.35 -7.32 -8.75
N PRO C 263 5.27 -6.80 -8.15
CA PRO C 263 4.02 -7.56 -8.18
C PRO C 263 3.55 -7.71 -9.62
N VAL C 264 3.26 -8.95 -10.03
CA VAL C 264 2.78 -9.20 -11.39
C VAL C 264 1.30 -9.55 -11.35
N ASP C 265 0.48 -8.72 -12.00
CA ASP C 265 -0.96 -8.90 -12.04
C ASP C 265 -1.43 -8.68 -13.48
N VAL C 266 -2.74 -8.55 -13.65
CA VAL C 266 -3.31 -8.33 -14.97
C VAL C 266 -2.84 -6.99 -15.56
N HIS C 267 -2.71 -5.96 -14.72
CA HIS C 267 -2.25 -4.66 -15.18
C HIS C 267 -0.81 -4.70 -15.68
N MET C 268 0.08 -5.35 -14.95
CA MET C 268 1.46 -5.40 -15.39
C MET C 268 1.62 -6.25 -16.64
N TRP C 269 0.77 -7.26 -16.80
CA TRP C 269 0.82 -8.09 -18.00
C TRP C 269 0.39 -7.25 -19.21
N HIS C 270 -0.66 -6.44 -19.04
CA HIS C 270 -1.15 -5.59 -20.11
C HIS C 270 -0.09 -4.55 -20.47
N ILE C 271 0.53 -3.94 -19.45
CA ILE C 271 1.58 -2.95 -19.68
C ILE C 271 2.77 -3.57 -20.41
N ALA C 272 3.14 -4.79 -20.00
CA ALA C 272 4.27 -5.49 -20.61
C ALA C 272 4.02 -5.72 -22.10
N GLN C 273 2.86 -6.28 -22.43
CA GLN C 273 2.51 -6.58 -23.81
C GLN C 273 2.28 -5.35 -24.70
N ARG C 274 1.56 -4.37 -24.16
CA ARG C 274 1.23 -3.17 -24.92
C ARG C 274 2.35 -2.12 -25.04
N ASP C 275 3.15 -1.94 -24.01
CA ASP C 275 4.17 -0.90 -24.07
C ASP C 275 5.60 -1.37 -24.29
N TYR C 276 5.81 -2.68 -24.27
CA TYR C 276 7.15 -3.24 -24.47
C TYR C 276 7.14 -4.40 -25.47
N SER C 277 5.95 -4.80 -25.90
CA SER C 277 5.80 -5.92 -26.82
C SER C 277 6.49 -7.17 -26.24
N TRP C 278 6.38 -7.32 -24.92
CA TRP C 278 6.99 -8.45 -24.20
C TRP C 278 6.26 -9.76 -24.44
N HIS C 279 7.03 -10.84 -24.37
CA HIS C 279 6.50 -12.19 -24.56
C HIS C 279 7.39 -13.11 -23.75
N PRO C 280 6.81 -14.18 -23.17
CA PRO C 280 7.60 -15.13 -22.40
C PRO C 280 8.56 -15.83 -23.36
N THR C 281 9.80 -16.04 -22.94
CA THR C 281 10.77 -16.70 -23.80
C THR C 281 11.40 -17.93 -23.15
N THR C 282 11.52 -17.93 -21.83
CA THR C 282 12.09 -19.06 -21.12
C THR C 282 10.98 -20.02 -20.68
N SER C 283 9.73 -19.61 -20.89
CA SER C 283 8.58 -20.43 -20.52
C SER C 283 7.80 -20.84 -21.76
N GLN C 284 7.08 -21.96 -21.63
CA GLN C 284 6.28 -22.49 -22.72
C GLN C 284 4.91 -21.82 -22.82
N ALA C 285 4.33 -21.48 -21.66
CA ALA C 285 3.02 -20.84 -21.65
C ALA C 285 3.07 -19.52 -22.42
N LYS C 286 1.93 -19.13 -22.98
CA LYS C 286 1.85 -17.89 -23.75
C LYS C 286 1.23 -16.78 -22.90
N GLY C 287 0.58 -17.17 -21.81
CA GLY C 287 -0.06 -16.19 -20.95
C GLY C 287 0.35 -16.33 -19.48
N PRO C 288 -0.42 -15.72 -18.58
CA PRO C 288 -0.11 -15.81 -17.14
C PRO C 288 -0.05 -17.25 -16.64
N SER C 289 0.93 -17.53 -15.80
CA SER C 289 1.14 -18.84 -15.21
C SER C 289 2.27 -18.65 -14.24
N PRO C 290 2.44 -19.58 -13.28
CA PRO C 290 3.54 -19.40 -12.33
C PRO C 290 4.90 -19.16 -12.97
N GLN C 291 5.17 -19.79 -14.11
CA GLN C 291 6.45 -19.63 -14.78
C GLN C 291 6.56 -18.27 -15.49
N THR C 292 5.55 -17.90 -16.27
CA THR C 292 5.58 -16.62 -17.00
C THR C 292 5.56 -15.40 -16.08
N ASN C 293 4.84 -15.49 -14.97
CA ASN C 293 4.78 -14.37 -14.03
C ASN C 293 6.15 -14.15 -13.43
N LYS C 294 6.87 -15.23 -13.18
CA LYS C 294 8.20 -15.11 -12.61
C LYS C 294 9.12 -14.46 -13.65
N GLU C 295 8.93 -14.81 -14.92
CA GLU C 295 9.77 -14.23 -15.96
C GLU C 295 9.52 -12.72 -16.07
N LEU C 296 8.25 -12.31 -16.12
CA LEU C 296 7.90 -10.90 -16.22
C LEU C 296 8.56 -10.11 -15.09
N GLY C 297 8.48 -10.63 -13.87
CA GLY C 297 9.11 -9.97 -12.73
C GLY C 297 10.58 -9.72 -13.00
N ASN C 298 11.27 -10.77 -13.44
CA ASN C 298 12.70 -10.67 -13.75
C ASN C 298 12.92 -9.66 -14.87
N PHE C 299 12.01 -9.66 -15.85
CA PHE C 299 12.11 -8.74 -16.97
C PHE C 299 12.07 -7.30 -16.46
N PHE C 300 11.07 -6.97 -15.66
CA PHE C 300 10.98 -5.60 -15.14
C PHE C 300 12.15 -5.26 -14.23
N ARG C 301 12.67 -6.24 -13.51
CA ARG C 301 13.80 -5.96 -12.64
C ARG C 301 15.00 -5.63 -13.50
N SER C 302 15.19 -6.40 -14.56
CA SER C 302 16.31 -6.20 -15.47
C SER C 302 16.21 -4.84 -16.15
N LEU C 303 14.99 -4.40 -16.41
CA LEU C 303 14.79 -3.11 -17.06
C LEU C 303 14.99 -1.90 -16.15
N TRP C 304 14.43 -1.94 -14.94
CA TRP C 304 14.52 -0.80 -14.03
C TRP C 304 15.59 -0.83 -12.94
N GLY C 305 16.05 -2.01 -12.57
CA GLY C 305 17.07 -2.06 -11.55
C GLY C 305 16.60 -2.37 -10.15
N PRO C 306 17.39 -1.98 -9.14
CA PRO C 306 17.18 -2.17 -7.70
C PRO C 306 15.86 -1.64 -7.16
N TYR C 307 15.36 -0.56 -7.74
CA TYR C 307 14.09 0.00 -7.29
C TYR C 307 12.98 -0.25 -8.31
N ALA C 308 13.05 -1.41 -8.98
CA ALA C 308 12.08 -1.81 -10.00
C ALA C 308 10.64 -1.79 -9.52
N GLY C 309 10.43 -2.14 -8.25
CA GLY C 309 9.09 -2.17 -7.70
C GLY C 309 8.50 -0.77 -7.63
N TRP C 310 9.34 0.21 -7.38
CA TRP C 310 8.89 1.59 -7.31
C TRP C 310 8.51 2.10 -8.70
N ALA C 311 9.29 1.76 -9.72
CA ALA C 311 8.99 2.17 -11.09
C ALA C 311 7.65 1.54 -11.46
N GLN C 312 7.47 0.29 -11.06
CA GLN C 312 6.24 -0.45 -11.31
C GLN C 312 5.03 0.28 -10.73
N ALA C 313 5.24 0.92 -9.60
CA ALA C 313 4.19 1.65 -8.91
C ALA C 313 3.73 2.83 -9.75
N VAL C 314 4.65 3.42 -10.51
CA VAL C 314 4.32 4.56 -11.34
C VAL C 314 3.45 4.11 -12.51
N LEU C 315 3.90 3.09 -13.24
CA LEU C 315 3.14 2.61 -14.38
C LEU C 315 1.79 2.01 -13.98
N PHE C 316 1.76 1.28 -12.87
CA PHE C 316 0.53 0.67 -12.36
C PHE C 316 -0.47 1.78 -12.04
N SER C 317 -0.02 2.78 -11.29
CA SER C 317 -0.89 3.89 -10.92
C SER C 317 -1.41 4.62 -12.16
N ALA C 318 -0.53 4.80 -13.14
CA ALA C 318 -0.89 5.45 -14.40
C ALA C 318 -1.85 4.58 -15.19
N ASP C 319 -1.69 3.27 -15.10
CA ASP C 319 -2.57 2.36 -15.83
C ASP C 319 -3.97 2.31 -15.22
N LEU C 320 -4.11 2.70 -13.96
CA LEU C 320 -5.44 2.72 -13.33
C LEU C 320 -6.19 3.93 -13.87
N ARG C 321 -5.50 5.07 -13.93
CA ARG C 321 -6.09 6.32 -14.43
C ARG C 321 -6.35 6.20 -15.92
N GLN C 322 -7.18 5.24 -16.29
CA GLN C 322 -7.50 5.01 -17.69
C GLN C 322 -8.77 4.17 -17.77
#